data_1FYL
#
_entry.id   1FYL
#
_cell.length_a   105.140
_cell.length_b   33.730
_cell.length_c   77.840
_cell.angle_alpha   90.00
_cell.angle_beta   118.35
_cell.angle_gamma   90.00
#
_symmetry.space_group_name_H-M   'C 1 2 1'
#
loop_
_entity.id
_entity.type
_entity.pdbx_description
1 polymer 'HEAD-TO-HEAD HSE'
2 polymer 'HEAT SHOCK FACTOR PROTEIN'
3 water water
#
loop_
_entity_poly.entity_id
_entity_poly.type
_entity_poly.pdbx_seq_one_letter_code
_entity_poly.pdbx_strand_id
1 'polydeoxyribonucleotide' (DA)(DG)(DG)(DA)(DA)(DC)(DG)(DT)(DT)(DC)(DC)(BRU) C,D
2 'polypeptide(L)'
;ARPAFVNKLWS(MSE)VNDKSNEKFIHWSTSGESIVVPNRERFVQEVLPKYFKHSNFASFVRQLN(MSE)YGWHKVQDVK
SGS(MSE)LSNNDSRWEFENERHA
;
A,B
#
loop_
_chem_comp.id
_chem_comp.type
_chem_comp.name
_chem_comp.formula
BRU DNA linking 5-BROMO-2'-DEOXYURIDINE-5'-MONOPHOSPHATE 'C9 H12 Br N2 O8 P'
DA DNA linking 2'-DEOXYADENOSINE-5'-MONOPHOSPHATE 'C10 H14 N5 O6 P'
DC DNA linking 2'-DEOXYCYTIDINE-5'-MONOPHOSPHATE 'C9 H14 N3 O7 P'
DG DNA linking 2'-DEOXYGUANOSINE-5'-MONOPHOSPHATE 'C10 H14 N5 O7 P'
DT DNA linking THYMIDINE-5'-MONOPHOSPHATE 'C10 H15 N2 O8 P'
#
# COMPACT_ATOMS: atom_id res chain seq x y z
N1 BRU A 12 19.15 -9.45 -11.29
C2 BRU A 12 19.93 -10.56 -11.03
N3 BRU A 12 20.71 -10.97 -12.07
C4 BRU A 12 20.78 -10.42 -13.34
C5 BRU A 12 19.94 -9.25 -13.54
C6 BRU A 12 19.17 -8.85 -12.53
O2 BRU A 12 19.93 -11.15 -9.95
O4 BRU A 12 21.52 -10.94 -14.19
BR BRU A 12 20.01 -8.39 -15.15
C1' BRU A 12 18.29 -8.89 -10.22
C2' BRU A 12 18.66 -7.46 -9.84
C3' BRU A 12 17.33 -6.79 -9.51
C4' BRU A 12 16.26 -7.75 -10.02
O3' BRU A 12 17.17 -6.19 -8.23
O4' BRU A 12 16.96 -8.80 -10.72
C5' BRU A 12 15.19 -7.14 -10.91
O5' BRU A 12 15.77 -6.34 -11.94
P BRU A 12 14.88 -5.88 -13.19
OP1 BRU A 12 13.77 -5.08 -12.65
OP2 BRU A 12 15.77 -5.28 -14.23
N1 BRU B 12 25.99 -13.14 -8.57
C2 BRU B 12 25.23 -12.09 -9.02
N3 BRU B 12 25.38 -11.84 -10.36
C4 BRU B 12 26.19 -12.49 -11.26
C5 BRU B 12 26.97 -13.57 -10.70
C6 BRU B 12 26.84 -13.82 -9.40
O2 BRU B 12 24.47 -11.44 -8.33
O4 BRU B 12 26.21 -12.13 -12.43
BR BRU B 12 28.09 -14.53 -11.82
C1' BRU B 12 25.87 -13.56 -7.15
C2' BRU B 12 25.44 -15.01 -7.00
C3' BRU B 12 26.21 -15.53 -5.79
C4' BRU B 12 27.26 -14.45 -5.51
O3' BRU B 12 25.48 -16.08 -4.70
O4' BRU B 12 27.17 -13.50 -6.58
C5' BRU B 12 28.68 -14.96 -5.42
O5' BRU B 12 28.97 -15.79 -6.54
P BRU B 12 30.47 -16.20 -6.87
OP1 BRU B 12 31.10 -16.80 -5.68
OP2 BRU B 12 30.52 -16.92 -8.16
N ARG C 2 -12.39 -17.98 10.49
CA ARG C 2 -12.59 -17.49 9.09
C ARG C 2 -11.28 -17.05 8.46
N PRO C 3 -11.06 -17.43 7.19
CA PRO C 3 -9.85 -17.08 6.44
C PRO C 3 -9.45 -15.63 6.59
N ALA C 4 -8.15 -15.36 6.57
CA ALA C 4 -7.67 -13.99 6.69
C ALA C 4 -8.27 -13.09 5.61
N PHE C 5 -8.37 -13.59 4.38
CA PHE C 5 -8.92 -12.77 3.32
C PHE C 5 -10.39 -12.40 3.61
N VAL C 6 -11.21 -13.37 4.02
CA VAL C 6 -12.60 -13.08 4.33
C VAL C 6 -12.64 -12.01 5.42
N ASN C 7 -11.84 -12.16 6.47
CA ASN C 7 -11.79 -11.18 7.55
C ASN C 7 -11.42 -9.80 7.01
N LYS C 8 -10.32 -9.74 6.27
CA LYS C 8 -9.87 -8.48 5.69
C LYS C 8 -10.91 -7.77 4.82
N LEU C 9 -11.50 -8.48 3.86
CA LEU C 9 -12.51 -7.90 3.00
C LEU C 9 -13.66 -7.35 3.85
N TRP C 10 -14.14 -8.16 4.79
CA TRP C 10 -15.22 -7.74 5.68
C TRP C 10 -14.86 -6.42 6.36
N SER C 11 -13.70 -6.38 7.02
CA SER C 11 -13.28 -5.16 7.70
C SER C 11 -13.06 -3.97 6.77
N MSE C 12 -12.41 -4.20 5.65
CA MSE C 12 -12.15 -3.15 4.69
C MSE C 12 -13.40 -2.49 4.10
O MSE C 12 -13.47 -1.28 3.99
CB MSE C 12 -11.23 -3.75 3.61
CG MSE C 12 -11.34 -3.29 2.24
SE MSE C 12 -10.28 -4.53 1.14
CE MSE C 12 -8.54 -3.68 1.29
N VAL C 13 -14.41 -3.29 3.74
CA VAL C 13 -15.63 -2.72 3.19
C VAL C 13 -16.54 -2.08 4.26
N ASN C 14 -16.41 -2.50 5.52
CA ASN C 14 -17.20 -1.94 6.62
C ASN C 14 -16.57 -0.75 7.34
N ASP C 15 -15.24 -0.72 7.44
CA ASP C 15 -14.52 0.35 8.09
C ASP C 15 -14.78 1.74 7.48
N LYS C 16 -15.47 2.58 8.24
CA LYS C 16 -15.81 3.93 7.81
C LYS C 16 -14.67 4.71 7.10
N SER C 17 -13.43 4.48 7.50
CA SER C 17 -12.32 5.22 6.88
C SER C 17 -12.07 4.89 5.42
N ASN C 18 -12.65 3.79 4.92
CA ASN C 18 -12.46 3.38 3.53
C ASN C 18 -13.64 3.72 2.61
N GLU C 19 -14.73 4.26 3.16
CA GLU C 19 -15.96 4.54 2.40
C GLU C 19 -15.92 5.20 1.02
N LYS C 20 -14.93 6.05 0.76
CA LYS C 20 -14.84 6.68 -0.54
C LYS C 20 -14.09 5.81 -1.54
N PHE C 21 -13.51 4.71 -1.06
CA PHE C 21 -12.73 3.80 -1.90
C PHE C 21 -13.40 2.42 -2.09
N ILE C 22 -14.07 1.94 -1.05
CA ILE C 22 -14.77 0.65 -1.11
C ILE C 22 -15.90 0.63 -0.08
N HIS C 23 -17.09 0.24 -0.52
CA HIS C 23 -18.26 0.19 0.35
C HIS C 23 -19.37 -0.65 -0.28
N TRP C 24 -20.36 -1.02 0.54
CA TRP C 24 -21.49 -1.81 0.08
C TRP C 24 -22.44 -0.96 -0.73
N SER C 25 -23.17 -1.58 -1.66
CA SER C 25 -24.19 -0.85 -2.41
C SER C 25 -25.30 -0.64 -1.38
N THR C 26 -26.27 0.24 -1.67
CA THR C 26 -27.36 0.49 -0.74
C THR C 26 -28.19 -0.77 -0.41
N SER C 27 -28.09 -1.78 -1.28
CA SER C 27 -28.82 -3.04 -1.09
C SER C 27 -27.97 -4.12 -0.41
N GLY C 28 -26.65 -3.90 -0.37
CA GLY C 28 -25.75 -4.86 0.23
C GLY C 28 -25.42 -6.01 -0.71
N GLU C 29 -26.01 -5.97 -1.91
CA GLU C 29 -25.80 -7.02 -2.89
C GLU C 29 -24.43 -6.99 -3.56
N SER C 30 -23.76 -5.85 -3.54
CA SER C 30 -22.45 -5.78 -4.15
C SER C 30 -21.51 -4.85 -3.41
N ILE C 31 -20.22 -5.03 -3.66
CA ILE C 31 -19.19 -4.21 -3.07
C ILE C 31 -18.78 -3.28 -4.22
N VAL C 32 -18.80 -1.97 -3.95
CA VAL C 32 -18.49 -0.95 -4.95
C VAL C 32 -17.13 -0.31 -4.68
N VAL C 33 -16.31 -0.25 -5.73
CA VAL C 33 -14.98 0.37 -5.70
C VAL C 33 -15.03 1.42 -6.81
N PRO C 34 -15.34 2.67 -6.44
CA PRO C 34 -15.42 3.77 -7.41
C PRO C 34 -14.20 3.95 -8.31
N ASN C 35 -13.02 3.75 -7.75
CA ASN C 35 -11.80 3.95 -8.49
C ASN C 35 -10.67 3.03 -8.04
N ARG C 36 -10.41 2.00 -8.83
CA ARG C 36 -9.37 1.00 -8.56
C ARG C 36 -7.99 1.54 -8.15
N GLU C 37 -7.50 2.56 -8.84
CA GLU C 37 -6.19 3.16 -8.55
C GLU C 37 -6.17 3.71 -7.12
N ARG C 38 -7.14 4.56 -6.80
CA ARG C 38 -7.26 5.11 -5.46
C ARG C 38 -7.35 3.96 -4.46
N PHE C 39 -8.25 3.00 -4.72
CA PHE C 39 -8.41 1.84 -3.83
C PHE C 39 -7.10 1.14 -3.57
N VAL C 40 -6.37 0.85 -4.66
CA VAL C 40 -5.09 0.19 -4.58
C VAL C 40 -4.06 0.99 -3.79
N GLN C 41 -3.98 2.29 -4.07
CA GLN C 41 -3.05 3.17 -3.37
C GLN C 41 -3.38 3.44 -1.89
N GLU C 42 -4.66 3.66 -1.59
CA GLU C 42 -5.09 3.98 -0.23
C GLU C 42 -5.65 2.91 0.70
N VAL C 43 -6.20 1.82 0.17
CA VAL C 43 -6.77 0.80 1.03
C VAL C 43 -6.03 -0.53 1.07
N LEU C 44 -5.73 -1.08 -0.10
CA LEU C 44 -5.04 -2.36 -0.15
C LEU C 44 -3.79 -2.43 0.76
N PRO C 45 -2.90 -1.42 0.69
CA PRO C 45 -1.72 -1.51 1.54
C PRO C 45 -2.02 -1.61 3.04
N LYS C 46 -3.22 -1.21 3.45
CA LYS C 46 -3.60 -1.26 4.86
C LYS C 46 -3.94 -2.66 5.35
N TYR C 47 -4.36 -3.52 4.42
CA TYR C 47 -4.76 -4.88 4.79
C TYR C 47 -3.84 -5.98 4.30
N PHE C 48 -3.11 -5.73 3.22
CA PHE C 48 -2.23 -6.75 2.67
C PHE C 48 -0.77 -6.30 2.56
N LYS C 49 0.14 -7.26 2.76
CA LYS C 49 1.56 -7.00 2.63
C LYS C 49 1.94 -7.42 1.21
N HIS C 50 2.48 -6.49 0.42
CA HIS C 50 2.89 -6.76 -0.95
C HIS C 50 1.83 -7.41 -1.86
N SER C 51 0.78 -6.68 -2.16
CA SER C 51 -0.28 -7.20 -3.01
C SER C 51 -0.76 -6.16 -4.03
N ASN C 52 -1.42 -6.65 -5.07
CA ASN C 52 -1.89 -5.82 -6.16
C ASN C 52 -3.36 -6.12 -6.46
N PHE C 53 -3.99 -5.29 -7.30
CA PHE C 53 -5.37 -5.51 -7.62
C PHE C 53 -5.62 -6.89 -8.21
N ALA C 54 -4.72 -7.37 -9.06
CA ALA C 54 -4.86 -8.69 -9.67
C ALA C 54 -4.95 -9.78 -8.59
N SER C 55 -4.00 -9.77 -7.67
CA SER C 55 -3.99 -10.74 -6.57
C SER C 55 -5.29 -10.60 -5.76
N PHE C 56 -5.70 -9.35 -5.48
CA PHE C 56 -6.94 -9.08 -4.75
C PHE C 56 -8.13 -9.74 -5.47
N VAL C 57 -8.31 -9.42 -6.75
CA VAL C 57 -9.40 -10.00 -7.55
C VAL C 57 -9.38 -11.53 -7.55
N ARG C 58 -8.20 -12.13 -7.65
CA ARG C 58 -8.06 -13.59 -7.62
C ARG C 58 -8.61 -14.16 -6.30
N GLN C 59 -8.20 -13.55 -5.18
CA GLN C 59 -8.67 -13.97 -3.86
C GLN C 59 -10.19 -13.82 -3.77
N LEU C 60 -10.70 -12.70 -4.25
CA LEU C 60 -12.14 -12.44 -4.27
C LEU C 60 -12.86 -13.58 -4.99
N ASN C 61 -12.29 -14.06 -6.08
CA ASN C 61 -12.87 -15.17 -6.84
C ASN C 61 -12.91 -16.44 -6.00
N MSE C 62 -11.82 -16.75 -5.32
CA MSE C 62 -11.77 -17.94 -4.47
C MSE C 62 -12.95 -18.01 -3.51
O MSE C 62 -13.33 -19.10 -3.07
CB MSE C 62 -10.47 -17.96 -3.67
CG MSE C 62 -9.51 -19.04 -4.10
SE MSE C 62 -7.69 -18.53 -3.57
CE MSE C 62 -7.04 -17.84 -5.33
N TYR C 63 -13.52 -16.85 -3.17
CA TYR C 63 -14.67 -16.80 -2.27
C TYR C 63 -16.00 -16.49 -2.95
N GLY C 64 -16.05 -16.69 -4.26
CA GLY C 64 -17.26 -16.49 -5.04
C GLY C 64 -17.63 -15.11 -5.51
N TRP C 65 -16.78 -14.12 -5.28
CA TRP C 65 -17.08 -12.76 -5.70
C TRP C 65 -16.63 -12.62 -7.15
N HIS C 66 -17.49 -12.05 -7.98
CA HIS C 66 -17.19 -11.84 -9.39
C HIS C 66 -17.44 -10.40 -9.79
N LYS C 67 -16.61 -9.91 -10.71
CA LYS C 67 -16.73 -8.56 -11.23
C LYS C 67 -18.05 -8.46 -12.01
N VAL C 68 -18.80 -7.39 -11.76
CA VAL C 68 -20.05 -7.16 -12.45
C VAL C 68 -19.73 -6.51 -13.80
N GLN C 69 -20.28 -7.07 -14.87
CA GLN C 69 -20.06 -6.56 -16.22
C GLN C 69 -21.35 -6.04 -16.80
N ASP C 70 -21.70 -4.82 -16.43
CA ASP C 70 -22.93 -4.18 -16.87
C ASP C 70 -22.69 -2.95 -17.73
N VAL C 71 -21.50 -2.83 -18.32
CA VAL C 71 -21.18 -1.67 -19.16
C VAL C 71 -21.42 -1.89 -20.67
N LYS C 72 -22.05 -0.91 -21.33
CA LYS C 72 -22.32 -0.97 -22.77
C LYS C 72 -21.31 -0.12 -23.53
N SER C 73 -20.31 -0.75 -24.10
CA SER C 73 -19.29 -0.03 -24.86
C SER C 73 -19.91 1.13 -25.64
N ASN C 80 -15.77 4.13 -18.10
CA ASN C 80 -14.96 4.17 -16.88
C ASN C 80 -14.42 2.83 -16.39
N ASP C 81 -13.30 2.40 -16.96
CA ASP C 81 -12.65 1.13 -16.58
C ASP C 81 -12.13 1.19 -15.16
N SER C 82 -12.18 2.36 -14.56
CA SER C 82 -11.70 2.55 -13.20
C SER C 82 -12.66 2.06 -12.14
N ARG C 83 -13.94 1.99 -12.48
CA ARG C 83 -14.96 1.57 -11.54
C ARG C 83 -15.10 0.06 -11.54
N TRP C 84 -15.00 -0.52 -10.35
CA TRP C 84 -15.12 -1.96 -10.17
C TRP C 84 -16.22 -2.26 -9.17
N GLU C 85 -16.97 -3.32 -9.44
CA GLU C 85 -18.03 -3.71 -8.55
C GLU C 85 -18.08 -5.21 -8.52
N PHE C 86 -18.27 -5.76 -7.33
CA PHE C 86 -18.32 -7.21 -7.17
C PHE C 86 -19.59 -7.70 -6.52
N GLU C 87 -20.10 -8.82 -7.05
CA GLU C 87 -21.28 -9.47 -6.54
C GLU C 87 -20.86 -10.92 -6.28
N ASN C 88 -21.53 -11.60 -5.35
CA ASN C 88 -21.19 -12.98 -5.04
C ASN C 88 -22.14 -13.99 -5.65
N GLU C 89 -21.56 -15.12 -6.05
CA GLU C 89 -22.27 -16.27 -6.64
C GLU C 89 -23.45 -16.73 -5.78
N ARG C 90 -23.28 -16.62 -4.46
CA ARG C 90 -24.30 -17.05 -3.52
C ARG C 90 -25.20 -15.93 -3.03
N HIS C 91 -26.50 -16.07 -3.28
CA HIS C 91 -27.47 -15.09 -2.85
C HIS C 91 -28.83 -15.73 -2.53
N ALA C 92 -29.70 -14.98 -1.87
CA ALA C 92 -31.02 -15.47 -1.50
C ALA C 92 -31.80 -15.86 -2.75
N ARG D 2 1.15 15.25 -3.64
CA ARG D 2 2.32 14.55 -3.04
C ARG D 2 2.45 13.08 -3.49
N PRO D 3 3.56 12.75 -4.15
CA PRO D 3 3.82 11.39 -4.65
C PRO D 3 3.78 10.34 -3.52
N ALA D 4 3.34 9.14 -3.87
CA ALA D 4 3.24 8.04 -2.92
C ALA D 4 4.54 7.69 -2.20
N PHE D 5 5.65 7.66 -2.93
CA PHE D 5 6.92 7.32 -2.30
C PHE D 5 7.15 8.21 -1.09
N VAL D 6 6.96 9.51 -1.23
CA VAL D 6 7.19 10.42 -0.12
C VAL D 6 6.39 9.97 1.10
N ASN D 7 5.11 9.67 0.90
CA ASN D 7 4.26 9.21 2.00
C ASN D 7 4.88 7.97 2.64
N LYS D 8 5.35 7.05 1.80
CA LYS D 8 6.01 5.83 2.27
C LYS D 8 7.29 6.10 3.06
N LEU D 9 8.20 6.89 2.51
CA LEU D 9 9.45 7.21 3.19
C LEU D 9 9.18 7.82 4.56
N TRP D 10 8.14 8.65 4.66
CA TRP D 10 7.80 9.27 5.94
C TRP D 10 7.35 8.27 7.00
N SER D 11 6.35 7.47 6.69
CA SER D 11 5.86 6.45 7.65
C SER D 11 7.04 5.57 8.09
N MSE D 12 7.90 5.22 7.13
CA MSE D 12 9.08 4.41 7.37
C MSE D 12 10.03 5.09 8.36
O MSE D 12 10.39 4.53 9.40
CB MSE D 12 9.79 4.17 6.03
CG MSE D 12 10.96 3.23 6.05
SE MSE D 12 12.05 3.50 4.41
CE MSE D 12 10.61 3.32 3.05
N VAL D 13 10.47 6.31 8.04
CA VAL D 13 11.37 7.06 8.90
C VAL D 13 10.79 7.37 10.29
N ASN D 14 9.49 7.65 10.37
CA ASN D 14 8.85 7.95 11.65
C ASN D 14 8.46 6.73 12.49
N ASP D 15 8.32 5.56 11.85
CA ASP D 15 7.95 4.35 12.58
C ASP D 15 9.05 3.93 13.55
N LYS D 16 8.74 3.90 14.84
CA LYS D 16 9.73 3.52 15.83
C LYS D 16 10.28 2.11 15.64
N SER D 17 9.57 1.27 14.89
CA SER D 17 10.06 -0.08 14.67
C SER D 17 11.28 -0.08 13.74
N ASN D 18 11.55 1.07 13.11
CA ASN D 18 12.67 1.22 12.20
C ASN D 18 13.78 2.10 12.77
N GLU D 19 13.54 2.73 13.92
CA GLU D 19 14.53 3.64 14.52
C GLU D 19 16.01 3.18 14.48
N LYS D 20 16.27 1.90 14.67
CA LYS D 20 17.65 1.38 14.67
C LYS D 20 18.34 1.34 13.30
N PHE D 21 17.56 1.43 12.23
CA PHE D 21 18.09 1.36 10.88
C PHE D 21 17.96 2.66 10.10
N ILE D 22 16.92 3.44 10.40
CA ILE D 22 16.69 4.71 9.71
C ILE D 22 15.93 5.69 10.60
N HIS D 23 16.42 6.92 10.69
CA HIS D 23 15.78 7.93 11.51
C HIS D 23 16.20 9.36 11.10
N TRP D 24 15.45 10.36 11.56
CA TRP D 24 15.77 11.76 11.27
C TRP D 24 16.98 12.14 12.09
N SER D 25 17.67 13.20 11.66
CA SER D 25 18.82 13.71 12.41
C SER D 25 18.22 14.56 13.55
N THR D 26 19.02 14.87 14.56
CA THR D 26 18.53 15.67 15.68
C THR D 26 17.90 16.98 15.19
N SER D 27 18.32 17.42 14.02
CA SER D 27 17.80 18.66 13.45
C SER D 27 16.62 18.37 12.51
N GLY D 28 16.39 17.08 12.27
CA GLY D 28 15.30 16.69 11.40
C GLY D 28 15.50 17.12 9.96
N GLU D 29 16.61 17.80 9.68
CA GLU D 29 16.89 18.27 8.35
C GLU D 29 17.23 17.11 7.41
N SER D 30 17.87 16.08 7.96
CA SER D 30 18.26 14.92 7.15
C SER D 30 17.79 13.55 7.66
N ILE D 31 17.91 12.56 6.79
CA ILE D 31 17.55 11.15 7.07
C ILE D 31 18.84 10.35 7.19
N VAL D 32 19.03 9.69 8.33
CA VAL D 32 20.23 8.90 8.56
C VAL D 32 20.01 7.39 8.52
N VAL D 33 20.88 6.71 7.79
CA VAL D 33 20.88 5.26 7.66
C VAL D 33 22.25 4.85 8.19
N PRO D 34 22.35 4.61 9.51
CA PRO D 34 23.60 4.21 10.16
C PRO D 34 24.29 2.98 9.57
N ASN D 35 23.51 2.10 8.97
CA ASN D 35 24.06 0.88 8.37
C ASN D 35 23.26 0.42 7.16
N ARG D 36 23.78 0.74 5.98
CA ARG D 36 23.16 0.35 4.72
C ARG D 36 22.75 -1.12 4.64
N GLU D 37 23.68 -2.04 4.90
CA GLU D 37 23.40 -3.48 4.83
C GLU D 37 22.22 -3.91 5.72
N ARG D 38 22.23 -3.50 6.97
CA ARG D 38 21.14 -3.82 7.90
C ARG D 38 19.81 -3.24 7.37
N PHE D 39 19.83 -1.97 6.96
CA PHE D 39 18.65 -1.31 6.42
C PHE D 39 18.06 -2.05 5.22
N VAL D 40 18.93 -2.41 4.28
CA VAL D 40 18.53 -3.13 3.09
C VAL D 40 17.85 -4.46 3.43
N GLN D 41 18.46 -5.20 4.34
CA GLN D 41 17.92 -6.50 4.76
C GLN D 41 16.68 -6.48 5.66
N GLU D 42 16.72 -5.64 6.70
CA GLU D 42 15.63 -5.55 7.68
C GLU D 42 14.43 -4.67 7.34
N VAL D 43 14.70 -3.44 6.92
CA VAL D 43 13.65 -2.47 6.63
C VAL D 43 13.07 -2.41 5.22
N LEU D 44 13.92 -2.25 4.22
CA LEU D 44 13.42 -2.13 2.85
C LEU D 44 12.39 -3.19 2.42
N PRO D 45 12.62 -4.48 2.73
CA PRO D 45 11.65 -5.51 2.34
C PRO D 45 10.23 -5.32 2.88
N LYS D 46 10.07 -4.58 3.97
CA LYS D 46 8.76 -4.34 4.55
C LYS D 46 7.99 -3.32 3.72
N TYR D 47 8.71 -2.50 2.94
CA TYR D 47 8.08 -1.46 2.15
C TYR D 47 8.13 -1.63 0.63
N PHE D 48 9.17 -2.27 0.12
CA PHE D 48 9.29 -2.45 -1.32
C PHE D 48 9.54 -3.89 -1.71
N LYS D 49 9.08 -4.25 -2.90
CA LYS D 49 9.25 -5.60 -3.41
C LYS D 49 10.67 -5.85 -3.93
N HIS D 50 11.39 -4.77 -4.22
CA HIS D 50 12.76 -4.88 -4.71
C HIS D 50 13.72 -4.89 -3.51
N SER D 51 13.44 -4.05 -2.53
CA SER D 51 14.20 -3.98 -1.30
C SER D 51 15.72 -3.73 -1.36
N ASN D 52 16.23 -3.21 -2.48
CA ASN D 52 17.66 -2.94 -2.58
C ASN D 52 17.93 -1.43 -2.55
N PHE D 53 19.12 -1.05 -2.10
CA PHE D 53 19.49 0.36 -2.00
C PHE D 53 19.48 1.14 -3.32
N ALA D 54 19.94 0.52 -4.40
CA ALA D 54 19.96 1.22 -5.68
C ALA D 54 18.56 1.77 -5.98
N SER D 55 17.56 0.90 -5.99
CA SER D 55 16.18 1.30 -6.22
C SER D 55 15.77 2.41 -5.23
N PHE D 56 15.99 2.16 -3.94
CA PHE D 56 15.66 3.14 -2.90
C PHE D 56 16.27 4.51 -3.18
N VAL D 57 17.58 4.55 -3.41
CA VAL D 57 18.25 5.80 -3.67
C VAL D 57 17.67 6.49 -4.91
N ARG D 58 17.49 5.74 -5.99
CA ARG D 58 16.89 6.29 -7.21
C ARG D 58 15.62 7.04 -6.82
N GLN D 59 14.71 6.36 -6.12
CA GLN D 59 13.47 6.98 -5.69
C GLN D 59 13.74 8.25 -4.89
N LEU D 60 14.63 8.16 -3.90
CA LEU D 60 14.99 9.31 -3.08
C LEU D 60 15.41 10.51 -3.93
N ASN D 61 16.33 10.31 -4.87
CA ASN D 61 16.82 11.39 -5.73
C ASN D 61 15.69 12.03 -6.56
N MSE D 62 14.92 11.19 -7.25
CA MSE D 62 13.83 11.67 -8.08
C MSE D 62 12.90 12.65 -7.34
O MSE D 62 12.40 13.61 -7.93
CB MSE D 62 13.02 10.46 -8.58
CG MSE D 62 11.66 10.77 -9.11
SE MSE D 62 10.79 9.13 -9.71
CE MSE D 62 11.43 9.18 -11.59
N TYR D 63 12.66 12.38 -6.06
CA TYR D 63 11.81 13.23 -5.24
C TYR D 63 12.50 14.23 -4.31
N GLY D 64 13.73 14.62 -4.62
CA GLY D 64 14.41 15.61 -3.81
C GLY D 64 15.51 15.30 -2.80
N TRP D 65 15.66 14.04 -2.38
CA TRP D 65 16.68 13.71 -1.38
C TRP D 65 17.96 13.17 -2.02
N HIS D 66 19.10 13.71 -1.59
CA HIS D 66 20.38 13.28 -2.13
C HIS D 66 21.39 12.99 -1.01
N LYS D 67 22.34 12.09 -1.27
CA LYS D 67 23.34 11.75 -0.27
C LYS D 67 24.18 12.98 0.02
N VAL D 68 24.49 13.17 1.30
CA VAL D 68 25.31 14.27 1.78
C VAL D 68 26.78 13.85 1.81
N ASP D 81 29.83 5.43 3.18
CA ASP D 81 29.68 4.19 2.35
C ASP D 81 28.74 3.20 3.04
N SER D 82 29.02 2.90 4.31
CA SER D 82 28.17 1.99 5.09
C SER D 82 27.14 2.89 5.79
N ARG D 83 27.53 4.15 6.02
CA ARG D 83 26.65 5.12 6.65
C ARG D 83 26.17 6.12 5.60
N TRP D 84 24.85 6.24 5.46
CA TRP D 84 24.26 7.15 4.48
C TRP D 84 23.42 8.23 5.13
N GLU D 85 23.52 9.44 4.59
CA GLU D 85 22.75 10.54 5.11
C GLU D 85 22.19 11.30 3.92
N PHE D 86 20.88 11.48 3.88
CA PHE D 86 20.22 12.19 2.79
C PHE D 86 19.61 13.52 3.24
N GLU D 87 19.87 14.57 2.48
CA GLU D 87 19.35 15.90 2.79
C GLU D 87 18.40 16.33 1.69
N ASN D 88 17.38 17.08 2.09
CA ASN D 88 16.36 17.63 1.20
C ASN D 88 16.85 18.92 0.55
#